data_4DBB
#
_entry.id   4DBB
#
_cell.length_a   64.729
_cell.length_b   64.729
_cell.length_c   115.155
_cell.angle_alpha   90.000
_cell.angle_beta   90.000
_cell.angle_gamma   90.000
#
_symmetry.space_group_name_H-M   'P 41 21 2'
#
loop_
_entity.id
_entity.type
_entity.pdbx_description
1 polymer 'Amyloid beta A4 precursor protein-binding family A member 1'
2 non-polymer 'CHLORIDE ION'
3 non-polymer 'ACETIC ACID'
4 non-polymer 'ISOPROPYL ALCOHOL'
5 non-polymer GLYCEROL
6 water water
#
_entity_poly.entity_id   1
_entity_poly.type   'polypeptide(L)'
_entity_poly.pdbx_seq_one_letter_code
;DPEDLIDGIIFAANYLGSTQLLSDKTPSKNVRMMQAQEAVSRIKPEGESQPMTEVDLFISTQRIKVLNADTQEPMMDHPL
RTISYIADIGNIVVLMARRRMPRSQYKMICHVFESEDAQLIAQSIGQAFSVAYQEFLRANGINPEDLSQKEYSDLLNTQD
MY
;
_entity_poly.pdbx_strand_id   A
#
loop_
_chem_comp.id
_chem_comp.type
_chem_comp.name
_chem_comp.formula
ACY non-polymer 'ACETIC ACID' 'C2 H4 O2'
CL non-polymer 'CHLORIDE ION' 'Cl -1'
GOL non-polymer GLYCEROL 'C3 H8 O3'
IPA non-polymer 'ISOPROPYL ALCOHOL' 'C3 H8 O'
#
# COMPACT_ATOMS: atom_id res chain seq x y z
N GLU A 3 -11.84 21.90 -14.93
CA GLU A 3 -11.90 20.72 -14.08
C GLU A 3 -11.36 21.00 -12.69
N ASP A 4 -11.51 20.03 -11.80
CA ASP A 4 -11.05 20.17 -10.42
C ASP A 4 -10.24 18.93 -10.03
N LEU A 5 -9.18 18.67 -10.78
CA LEU A 5 -8.40 17.46 -10.61
C LEU A 5 -7.59 17.53 -9.29
N ILE A 6 -7.54 16.42 -8.56
CA ILE A 6 -6.84 16.40 -7.28
C ILE A 6 -5.54 15.58 -7.47
N ASP A 7 -4.42 16.18 -7.17
CA ASP A 7 -3.14 15.49 -7.37
C ASP A 7 -2.62 14.78 -6.13
N GLY A 8 -3.04 15.23 -4.95
CA GLY A 8 -2.57 14.60 -3.71
C GLY A 8 -3.62 14.73 -2.62
N ILE A 9 -3.56 13.82 -1.64
CA ILE A 9 -4.50 13.89 -0.54
C ILE A 9 -3.84 13.41 0.70
N ILE A 10 -4.18 14.07 1.81
CA ILE A 10 -3.60 13.70 3.09
C ILE A 10 -4.71 13.37 4.06
N PHE A 11 -4.52 12.28 4.79
CA PHE A 11 -5.48 11.76 5.76
C PHE A 11 -4.81 11.64 7.13
N ALA A 12 -5.48 12.02 8.21
CA ALA A 12 -4.97 11.66 9.55
C ALA A 12 -5.19 10.21 9.84
N ALA A 13 -4.21 9.59 10.53
CA ALA A 13 -4.43 8.21 10.95
C ALA A 13 -3.53 7.91 12.14
N ASN A 14 -3.75 6.77 12.78
CA ASN A 14 -2.88 6.29 13.82
C ASN A 14 -2.08 5.16 13.22
N TYR A 15 -0.77 5.22 13.34
CA TYR A 15 0.08 4.17 12.82
C TYR A 15 0.28 3.15 13.98
N LEU A 16 -0.07 1.89 13.74
CA LEU A 16 -0.04 0.85 14.81
C LEU A 16 1.26 0.06 14.75
N GLY A 17 2.01 0.18 13.67
CA GLY A 17 3.27 -0.55 13.55
C GLY A 17 3.27 -1.40 12.26
N SER A 18 4.36 -2.15 12.04
CA SER A 18 4.60 -2.82 10.76
C SER A 18 5.22 -4.21 11.01
N THR A 19 5.05 -5.12 10.05
CA THR A 19 5.86 -6.34 10.05
C THR A 19 6.74 -6.38 8.82
N GLN A 20 7.85 -7.07 8.91
CA GLN A 20 8.72 -7.18 7.76
C GLN A 20 9.08 -8.63 7.50
N LEU A 21 9.05 -8.97 6.21
CA LEU A 21 9.33 -10.36 5.76
C LEU A 21 10.54 -10.32 4.81
N LEU A 22 11.59 -11.07 5.13
CA LEU A 22 12.76 -11.18 4.23
C LEU A 22 12.56 -12.45 3.43
N SER A 23 12.90 -12.47 2.16
CA SER A 23 12.84 -13.76 1.41
C SER A 23 13.87 -13.77 0.29
N ASP A 24 14.19 -14.97 -0.24
CA ASP A 24 15.19 -15.08 -1.33
C ASP A 24 14.49 -15.13 -2.69
N LYS A 25 13.17 -15.02 -2.71
CA LYS A 25 12.44 -14.82 -3.96
C LYS A 25 11.25 -13.90 -3.70
N THR A 26 10.82 -13.18 -4.71
CA THR A 26 9.73 -12.22 -4.51
C THR A 26 8.46 -12.97 -3.95
N PRO A 27 7.83 -12.40 -2.93
CA PRO A 27 6.84 -13.25 -2.22
C PRO A 27 5.60 -13.47 -3.09
N SER A 28 5.07 -14.68 -3.11
CA SER A 28 3.86 -14.95 -3.85
C SER A 28 2.66 -14.20 -3.29
N LYS A 29 1.59 -14.20 -4.04
CA LYS A 29 0.33 -13.71 -3.50
C LYS A 29 -0.04 -14.46 -2.20
N ASN A 30 0.09 -15.79 -2.15
CA ASN A 30 -0.36 -16.49 -0.94
C ASN A 30 0.47 -16.05 0.27
N VAL A 31 1.75 -15.84 0.07
CA VAL A 31 2.63 -15.39 1.16
C VAL A 31 2.26 -13.96 1.59
N ARG A 32 2.00 -13.08 0.63
CA ARG A 32 1.64 -11.71 0.98
C ARG A 32 0.33 -11.67 1.80
N MET A 33 -0.65 -12.49 1.42
CA MET A 33 -1.95 -12.50 2.12
C MET A 33 -1.77 -13.07 3.53
N MET A 34 -0.91 -14.08 3.70
CA MET A 34 -0.53 -14.57 5.04
C MET A 34 0.10 -13.44 5.89
N GLN A 35 1.01 -12.68 5.28
CA GLN A 35 1.67 -11.59 6.02
C GLN A 35 0.62 -10.54 6.43
N ALA A 36 -0.28 -10.21 5.53
CA ALA A 36 -1.31 -9.22 5.83
C ALA A 36 -2.23 -9.69 6.97
N GLN A 37 -2.67 -10.94 6.94
CA GLN A 37 -3.57 -11.45 8.01
C GLN A 37 -2.84 -11.50 9.33
N GLU A 38 -1.60 -11.94 9.31
CA GLU A 38 -0.85 -12.04 10.58
C GLU A 38 -0.66 -10.62 11.20
N ALA A 39 -0.42 -9.64 10.35
CA ALA A 39 -0.22 -8.26 10.82
C ALA A 39 -1.49 -7.79 11.50
N VAL A 40 -2.64 -7.99 10.85
CA VAL A 40 -3.95 -7.64 11.47
C VAL A 40 -4.23 -8.42 12.76
N SER A 41 -3.89 -9.72 12.79
CA SER A 41 -4.20 -10.50 13.95
C SER A 41 -3.37 -10.03 15.16
N ARG A 42 -2.32 -9.25 14.93
CA ARG A 42 -1.51 -8.78 16.07
C ARG A 42 -2.08 -7.61 16.74
N ILE A 43 -3.02 -6.91 16.10
CA ILE A 43 -3.61 -5.72 16.72
C ILE A 43 -4.28 -6.15 18.03
N LYS A 44 -3.97 -5.46 19.12
CA LYS A 44 -4.47 -5.94 20.42
C LYS A 44 -5.97 -5.69 20.67
N GLN A 50 -2.58 -0.97 22.96
CA GLN A 50 -2.13 -0.91 21.56
C GLN A 50 -1.41 0.43 21.30
N PRO A 51 -0.07 0.41 21.32
CA PRO A 51 0.72 1.61 21.06
C PRO A 51 0.49 2.17 19.64
N MET A 52 0.65 3.48 19.49
N MET A 52 0.65 3.48 19.49
CA MET A 52 0.44 4.10 18.19
CA MET A 52 0.44 4.10 18.18
C MET A 52 1.10 5.47 18.11
C MET A 52 1.12 5.46 18.11
N THR A 53 1.35 5.92 16.88
CA THR A 53 1.88 7.25 16.63
C THR A 53 0.88 7.94 15.69
N GLU A 54 0.49 9.16 15.98
CA GLU A 54 -0.41 9.89 15.08
C GLU A 54 0.40 10.34 13.86
N VAL A 55 -0.14 10.04 12.70
CA VAL A 55 0.54 10.36 11.46
C VAL A 55 -0.38 11.08 10.51
N ASP A 56 0.22 11.68 9.51
CA ASP A 56 -0.50 12.14 8.33
C ASP A 56 -0.06 11.25 7.14
N LEU A 57 -1.03 10.72 6.41
CA LEU A 57 -0.76 9.80 5.30
C LEU A 57 -1.00 10.52 3.97
N PHE A 58 0.07 10.77 3.23
CA PHE A 58 0.03 11.55 1.98
C PHE A 58 0.05 10.60 0.80
N ILE A 59 -0.92 10.73 -0.08
CA ILE A 59 -1.01 9.85 -1.23
C ILE A 59 -1.03 10.70 -2.47
N SER A 60 -0.13 10.42 -3.43
CA SER A 60 -0.22 11.00 -4.78
C SER A 60 -0.08 9.90 -5.85
N THR A 61 -0.05 10.32 -7.12
CA THR A 61 0.19 9.37 -8.21
C THR A 61 1.62 8.80 -8.23
N GLN A 62 2.53 9.38 -7.45
CA GLN A 62 3.93 9.03 -7.52
C GLN A 62 4.32 8.23 -6.29
N ARG A 63 3.67 8.49 -5.18
CA ARG A 63 4.18 7.94 -3.95
C ARG A 63 3.21 8.03 -2.80
N ILE A 64 3.51 7.24 -1.77
CA ILE A 64 2.79 7.33 -0.52
C ILE A 64 3.79 7.69 0.56
N LYS A 65 3.50 8.70 1.36
CA LYS A 65 4.48 9.13 2.38
C LYS A 65 3.77 9.13 3.67
N VAL A 66 4.42 8.68 4.72
CA VAL A 66 3.83 8.78 6.03
C VAL A 66 4.64 9.79 6.81
N LEU A 67 3.97 10.82 7.29
CA LEU A 67 4.60 11.89 8.07
C LEU A 67 4.22 11.75 9.53
N ASN A 68 5.15 12.00 10.42
CA ASN A 68 4.79 12.14 11.82
C ASN A 68 3.84 13.36 11.94
N ALA A 69 2.70 13.23 12.62
CA ALA A 69 1.70 14.30 12.66
C ALA A 69 2.23 15.53 13.40
N ASP A 70 2.91 15.24 14.49
CA ASP A 70 3.44 16.29 15.35
C ASP A 70 4.65 17.00 14.68
N THR A 71 5.62 16.25 14.17
CA THR A 71 6.82 16.92 13.63
C THR A 71 6.75 17.26 12.14
N GLN A 72 5.86 16.57 11.41
CA GLN A 72 5.70 16.74 9.96
C GLN A 72 6.94 16.27 9.17
N GLU A 73 7.67 15.33 9.76
CA GLU A 73 8.86 14.73 9.16
C GLU A 73 8.49 13.36 8.60
N PRO A 74 9.11 12.96 7.46
CA PRO A 74 8.72 11.69 6.85
C PRO A 74 9.17 10.52 7.70
N MET A 75 8.35 9.49 7.80
CA MET A 75 8.70 8.25 8.49
C MET A 75 8.85 7.14 7.44
N MET A 76 8.04 7.18 6.39
CA MET A 76 8.12 6.22 5.31
C MET A 76 7.83 6.95 4.04
N ASP A 77 8.53 6.58 2.98
CA ASP A 77 8.30 7.18 1.66
C ASP A 77 8.32 5.98 0.71
N HIS A 78 7.19 5.63 0.10
CA HIS A 78 7.14 4.53 -0.86
C HIS A 78 6.73 5.01 -2.24
N PRO A 79 7.59 4.79 -3.27
CA PRO A 79 7.09 4.99 -4.63
C PRO A 79 5.89 4.10 -4.89
N LEU A 80 4.92 4.65 -5.59
CA LEU A 80 3.69 3.93 -5.82
C LEU A 80 3.95 2.57 -6.52
N ARG A 81 4.97 2.50 -7.39
CA ARG A 81 5.18 1.26 -8.14
C ARG A 81 5.72 0.14 -7.24
N THR A 82 6.11 0.43 -6.02
CA THR A 82 6.54 -0.64 -5.12
C THR A 82 5.40 -1.18 -4.19
N ILE A 83 4.19 -0.63 -4.26
CA ILE A 83 3.08 -1.09 -3.38
C ILE A 83 2.63 -2.42 -3.95
N SER A 84 2.54 -3.43 -3.10
CA SER A 84 2.09 -4.75 -3.55
C SER A 84 0.66 -5.06 -3.08
N TYR A 85 0.15 -4.32 -2.09
CA TYR A 85 -1.20 -4.66 -1.54
C TYR A 85 -1.78 -3.49 -0.77
N ILE A 86 -3.08 -3.28 -0.88
CA ILE A 86 -3.75 -2.26 -0.03
C ILE A 86 -5.11 -2.82 0.33
N ALA A 87 -5.50 -2.72 1.60
CA ALA A 87 -6.86 -3.15 2.00
C ALA A 87 -7.32 -2.41 3.24
N ASP A 88 -8.63 -2.37 3.42
CA ASP A 88 -9.22 -1.79 4.63
C ASP A 88 -10.18 -2.82 5.19
N ILE A 89 -10.26 -2.89 6.51
CA ILE A 89 -11.24 -3.78 7.16
C ILE A 89 -11.64 -3.05 8.46
N GLY A 90 -12.92 -2.67 8.56
CA GLY A 90 -13.34 -1.80 9.64
C GLY A 90 -12.55 -0.47 9.58
N ASN A 91 -11.94 -0.07 10.69
CA ASN A 91 -11.17 1.17 10.74
C ASN A 91 -9.68 0.93 10.44
N ILE A 92 -9.35 -0.26 10.01
CA ILE A 92 -7.97 -0.66 9.85
C ILE A 92 -7.58 -0.57 8.37
N VAL A 93 -6.40 -0.04 8.11
CA VAL A 93 -5.84 -0.01 6.74
C VAL A 93 -4.54 -0.77 6.75
N VAL A 94 -4.37 -1.64 5.75
CA VAL A 94 -3.11 -2.36 5.65
C VAL A 94 -2.49 -2.02 4.32
N LEU A 95 -1.21 -1.71 4.34
CA LEU A 95 -0.49 -1.26 3.12
C LEU A 95 0.83 -2.04 3.04
N MET A 96 1.05 -2.73 1.95
CA MET A 96 2.28 -3.49 1.87
C MET A 96 3.12 -2.97 0.73
N ALA A 97 4.43 -2.96 0.95
CA ALA A 97 5.39 -2.46 -0.03
C ALA A 97 6.71 -3.23 -0.04
N ARG A 98 7.26 -3.38 -1.24
CA ARG A 98 8.53 -4.06 -1.48
C ARG A 98 9.62 -3.05 -1.17
N ARG A 99 10.49 -3.36 -0.22
CA ARG A 99 11.60 -2.44 0.09
C ARG A 99 12.82 -2.79 -0.68
N ARG A 100 13.56 -1.73 -0.99
CA ARG A 100 14.77 -1.86 -1.78
C ARG A 100 15.76 -2.78 -1.05
N MET A 101 16.22 -3.80 -1.76
CA MET A 101 17.22 -4.69 -1.19
C MET A 101 18.30 -4.89 -2.23
N PRO A 102 19.51 -5.32 -1.78
CA PRO A 102 20.52 -5.70 -2.78
C PRO A 102 19.86 -6.66 -3.77
N ARG A 103 20.51 -6.98 -4.88
CA ARG A 103 19.95 -7.92 -5.83
C ARG A 103 19.82 -9.31 -5.18
N SER A 104 18.72 -9.99 -5.48
CA SER A 104 18.49 -11.37 -5.00
C SER A 104 18.09 -11.47 -3.52
N GLN A 105 17.98 -10.34 -2.82
CA GLN A 105 17.32 -10.32 -1.50
C GLN A 105 16.03 -9.48 -1.59
N TYR A 106 14.99 -9.89 -0.88
CA TYR A 106 13.67 -9.27 -0.99
C TYR A 106 13.19 -8.98 0.42
N LYS A 107 12.59 -7.84 0.63
CA LYS A 107 12.03 -7.48 1.93
C LYS A 107 10.66 -6.82 1.71
N MET A 108 9.64 -7.38 2.32
CA MET A 108 8.29 -6.89 2.14
C MET A 108 7.84 -6.28 3.46
N ILE A 109 7.37 -5.04 3.45
CA ILE A 109 6.90 -4.42 4.70
C ILE A 109 5.39 -4.29 4.70
N CYS A 110 4.77 -4.54 5.85
CA CYS A 110 3.30 -4.49 5.92
C CYS A 110 2.97 -3.53 7.04
N HIS A 111 2.48 -2.35 6.68
CA HIS A 111 2.19 -1.30 7.64
C HIS A 111 0.71 -1.42 8.05
N VAL A 112 0.41 -1.15 9.31
CA VAL A 112 -0.96 -1.14 9.75
C VAL A 112 -1.34 0.22 10.38
N PHE A 113 -2.45 0.76 9.90
CA PHE A 113 -2.98 2.03 10.41
C PHE A 113 -4.42 1.87 10.88
N GLU A 114 -4.85 2.81 11.69
CA GLU A 114 -6.25 2.89 12.11
C GLU A 114 -6.74 4.27 11.78
N SER A 115 -7.92 4.34 11.21
CA SER A 115 -8.49 5.64 10.83
C SER A 115 -9.98 5.53 10.59
N GLU A 116 -10.74 6.54 10.97
CA GLU A 116 -12.13 6.63 10.60
C GLU A 116 -12.31 6.64 9.08
N ASP A 117 -11.27 7.10 8.37
CA ASP A 117 -11.31 7.14 6.93
C ASP A 117 -10.67 5.93 6.24
N ALA A 118 -10.63 4.77 6.90
CA ALA A 118 -9.88 3.63 6.39
C ALA A 118 -10.28 3.30 4.94
N GLN A 119 -11.58 3.30 4.66
CA GLN A 119 -12.09 2.80 3.36
C GLN A 119 -11.68 3.83 2.31
N LEU A 120 -11.80 5.13 2.63
CA LEU A 120 -11.42 6.20 1.67
C LEU A 120 -9.92 6.19 1.37
N ILE A 121 -9.14 5.93 2.39
CA ILE A 121 -7.72 5.83 2.23
C ILE A 121 -7.38 4.68 1.28
N ALA A 122 -7.95 3.50 1.50
CA ALA A 122 -7.64 2.31 0.67
C ALA A 122 -8.09 2.57 -0.78
N GLN A 123 -9.26 3.19 -0.94
CA GLN A 123 -9.80 3.50 -2.26
C GLN A 123 -8.91 4.51 -3.02
N SER A 124 -8.47 5.55 -2.31
CA SER A 124 -7.56 6.55 -2.85
C SER A 124 -6.24 5.91 -3.33
N ILE A 125 -5.68 5.03 -2.53
CA ILE A 125 -4.43 4.36 -2.94
C ILE A 125 -4.64 3.46 -4.15
N GLY A 126 -5.70 2.66 -4.05
CA GLY A 126 -6.03 1.66 -5.05
C GLY A 126 -6.22 2.27 -6.40
N GLN A 127 -6.89 3.41 -6.43
CA GLN A 127 -7.15 4.02 -7.72
C GLN A 127 -5.94 4.83 -8.25
N ALA A 128 -5.17 5.47 -7.36
CA ALA A 128 -3.92 6.11 -7.78
C ALA A 128 -3.02 5.06 -8.43
N PHE A 129 -3.08 3.84 -7.90
CA PHE A 129 -2.26 2.76 -8.42
C PHE A 129 -2.75 2.30 -9.78
N SER A 130 -3.97 1.76 -9.82
CA SER A 130 -4.44 1.12 -11.04
C SER A 130 -4.60 2.15 -12.18
N VAL A 131 -4.48 3.45 -11.84
CA VAL A 131 -4.35 4.48 -12.87
C VAL A 131 -3.02 4.33 -13.59
N ALA A 132 -1.96 4.27 -12.81
CA ALA A 132 -0.62 4.07 -13.36
C ALA A 132 -0.54 2.72 -14.11
N TYR A 133 -0.97 1.63 -13.46
CA TYR A 133 -0.82 0.27 -14.02
C TYR A 133 -1.52 0.13 -15.36
N GLN A 134 -2.68 0.79 -15.50
CA GLN A 134 -3.37 0.85 -16.77
C GLN A 134 -2.66 1.76 -17.78
N GLU A 135 -1.64 2.48 -17.35
CA GLU A 135 -0.86 3.30 -18.28
C GLU A 135 0.08 2.44 -19.12
N PHE A 136 -0.19 1.14 -19.17
CA PHE A 136 0.56 0.22 -20.02
C PHE A 136 -0.19 -0.10 -21.31
N LEU A 137 -1.03 0.84 -21.76
CA LEU A 137 -1.61 0.79 -23.10
C LEU A 137 -0.47 0.79 -24.10
N ARG A 138 0.66 1.34 -23.68
CA ARG A 138 1.86 1.37 -24.50
C ARG A 138 2.87 0.39 -23.95
N ALA A 139 2.49 -0.89 -23.92
CA ALA A 139 3.40 -1.98 -23.57
C ALA A 139 2.72 -3.31 -23.88
N ILE A 142 -0.89 -3.27 -24.90
CA ILE A 142 -2.15 -4.00 -24.69
C ILE A 142 -3.25 -3.10 -24.14
N ASN A 143 -4.48 -3.35 -24.59
CA ASN A 143 -5.62 -2.54 -24.20
C ASN A 143 -6.33 -3.15 -23.00
N PRO A 144 -6.10 -2.59 -21.80
CA PRO A 144 -6.76 -3.08 -20.58
C PRO A 144 -8.25 -3.37 -20.77
N GLU A 145 -8.94 -2.54 -21.56
CA GLU A 145 -10.39 -2.68 -21.77
C GLU A 145 -10.80 -3.93 -22.55
N ASP A 146 -9.82 -4.76 -22.92
CA ASP A 146 -10.08 -6.02 -23.61
C ASP A 146 -9.74 -7.22 -22.71
N LEU A 147 -9.35 -6.94 -21.47
CA LEU A 147 -9.08 -7.97 -20.47
C LEU A 147 -10.33 -8.14 -19.61
N SER A 148 -10.71 -9.39 -19.35
CA SER A 148 -11.82 -9.67 -18.44
C SER A 148 -11.40 -9.21 -17.03
N GLN A 149 -12.26 -9.46 -16.03
CA GLN A 149 -11.97 -9.09 -14.64
C GLN A 149 -10.92 -10.01 -14.07
N LYS A 150 -11.04 -11.29 -14.39
CA LYS A 150 -10.12 -12.33 -13.90
C LYS A 150 -8.74 -12.15 -14.52
N GLU A 151 -8.68 -11.60 -15.74
CA GLU A 151 -7.39 -11.37 -16.41
C GLU A 151 -6.66 -10.18 -15.78
N TYR A 152 -7.35 -9.06 -15.62
CA TYR A 152 -6.73 -7.87 -15.06
C TYR A 152 -6.34 -8.10 -13.60
N SER A 153 -7.25 -8.69 -12.84
CA SER A 153 -6.97 -9.01 -11.44
C SER A 153 -5.70 -9.85 -11.30
N ASP A 154 -5.53 -10.82 -12.19
CA ASP A 154 -4.35 -11.68 -12.13
C ASP A 154 -3.08 -10.92 -12.52
N LEU A 155 -3.20 -9.95 -13.44
CA LEU A 155 -2.08 -9.07 -13.82
C LEU A 155 -1.57 -8.32 -12.58
N LEU A 156 -2.50 -7.74 -11.83
CA LEU A 156 -2.18 -7.00 -10.62
C LEU A 156 -1.54 -7.88 -9.51
N ASN A 157 -1.88 -9.17 -9.45
CA ASN A 157 -1.42 -10.05 -8.37
C ASN A 157 -0.06 -10.75 -8.62
N THR A 158 0.46 -10.62 -9.84
CA THR A 158 1.74 -11.24 -10.20
C THR A 158 2.68 -10.23 -10.88
N GLN A 159 2.12 -9.24 -11.58
CA GLN A 159 2.92 -8.25 -12.27
C GLN A 159 2.96 -6.92 -11.53
CL CL B . 4.11 13.18 -5.36
C ACY C . 5.14 -12.29 9.09
O ACY C . 3.99 -12.58 8.65
OXT ACY C . 6.01 -11.57 8.49
CH3 ACY C . 5.49 -12.80 10.47
H1 ACY C . 4.70 -13.47 10.82
H2 ACY C . 5.58 -11.96 11.15
H3 ACY C . 6.44 -13.33 10.44
C ACY D . 12.27 1.57 1.78
O ACY D . 12.14 1.11 0.62
OXT ACY D . 13.32 1.42 2.46
CH3 ACY D . 11.15 2.36 2.40
H1 ACY D . 10.26 2.30 1.77
H2 ACY D . 11.45 3.40 2.51
H3 ACY D . 10.92 1.95 3.40
C1 IPA E . -6.22 11.92 -5.82
C2 IPA E . -4.80 11.46 -6.13
C3 IPA E . -4.82 10.29 -7.11
O2 IPA E . -4.17 11.05 -4.94
H11 IPA E . -6.41 11.81 -4.76
H12 IPA E . -6.93 11.29 -6.38
H13 IPA E . -6.35 12.95 -6.12
H2 IPA E . -4.24 12.29 -6.57
H31 IPA E . -4.35 9.42 -6.64
H32 IPA E . -5.85 10.04 -7.36
H33 IPA E . -4.28 10.56 -8.01
HO2 IPA E . -3.26 11.39 -4.92
C1 IPA F . -7.21 -11.37 9.73
C2 IPA F . -7.43 -12.23 10.98
C3 IPA F . -7.06 -11.43 12.22
O2 IPA F . -6.62 -13.39 10.89
H11 IPA F . -6.49 -11.85 9.08
H12 IPA F . -8.16 -11.25 9.21
H13 IPA F . -6.84 -10.40 10.03
H2 IPA F . -8.48 -12.53 11.04
H31 IPA F . -6.26 -11.93 12.76
H32 IPA F . -6.74 -10.44 11.92
H33 IPA F . -7.93 -11.35 12.87
HO2 IPA F . -7.18 -14.18 11.01
C1 GOL G . 0.99 -5.21 13.16
O1 GOL G . 2.20 -4.59 12.86
C2 GOL G . 0.64 -4.83 14.58
O2 GOL G . -0.47 -3.96 14.60
C3 GOL G . 1.85 -4.20 15.20
O3 GOL G . 2.83 -5.21 15.29
H11 GOL G . 1.08 -6.29 13.07
H12 GOL G . 0.21 -4.86 12.48
HO1 GOL G . 2.49 -4.86 11.97
H2 GOL G . 0.40 -5.74 15.13
HO2 GOL G . -0.67 -3.72 15.52
H31 GOL G . 1.61 -3.83 16.20
H32 GOL G . 2.20 -3.38 14.59
HO3 GOL G . 3.41 -5.06 16.07
C1 GOL H . 12.66 7.16 -5.20
O1 GOL H . 12.61 6.53 -3.92
C2 GOL H . 11.92 6.35 -6.28
O2 GOL H . 12.84 5.73 -7.15
C3 GOL H . 11.00 7.21 -7.15
O3 GOL H . 10.51 6.41 -8.22
H11 GOL H . 13.71 7.28 -5.50
H12 GOL H . 12.21 8.15 -5.12
HO1 GOL H . 13.15 7.04 -3.29
H2 GOL H . 11.32 5.58 -5.78
HO2 GOL H . 12.35 5.19 -7.82
H31 GOL H . 11.56 8.06 -7.55
H32 GOL H . 10.17 7.59 -6.55
HO3 GOL H . 10.34 6.98 -9.00
#